data_4Y1B
#
_entry.id   4Y1B
#
_cell.length_a   77.580
_cell.length_b   95.640
_cell.length_c   129.460
_cell.angle_alpha   90.00
_cell.angle_beta   90.00
_cell.angle_gamma   90.00
#
_symmetry.space_group_name_H-M   'I 2 2 2'
#
loop_
_entity.id
_entity.type
_entity.pdbx_description
1 polymer AntE
2 non-polymer 'NADP NICOTINAMIDE-ADENINE-DINUCLEOTIDE PHOSPHATE'
3 water water
#
_entity_poly.entity_id   1
_entity_poly.type   'polypeptide(L)'
_entity_poly.pdbx_seq_one_letter_code
;MGSSHHHHHHSSGLVPRGSHMTKDLYELGDAPPLGTAPKQMYASLIRQERYGRPVDAFRTEVVDVPPVGPGQVLVKVMAA
GVNYNNVWAALGEPLDVIAARQKQGATEDFHIGGSDLSGIVWAVGDGVRLKPGAEVVVLACRWDESAQDIRLGADPVTSS
TQRVWGYEENYGSFAQFAVVDEYMCHPKPQRLSWAAASCYMATAATAYRQLFGWEPHTVRPGDPVLIWGGAGGLGSIAIQ
LVRHVGGIPVAVVSSEERGEFCMRLGAKGWIDRREFDHWGRLPDTTDEEAMKQWLDGARAFGRRFWEVLGERRAPRIVLE
HSGADTIPTSIYMADNAGMVVICGGTTGYNGDVDLRFLWMRQKRLQGSHAASAREAREITRLIDQGAIDPCLSRTFGFEE
IGLAHQLIHDNQHPSGNMAVLVNAT
;
_entity_poly.pdbx_strand_id   A
#
loop_
_chem_comp.id
_chem_comp.type
_chem_comp.name
_chem_comp.formula
NAP non-polymer 'NADP NICOTINAMIDE-ADENINE-DINUCLEOTIDE PHOSPHATE' 'C21 H28 N7 O17 P3'
#
# COMPACT_ATOMS: atom_id res chain seq x y z
N THR A 22 -33.99 17.09 8.83
CA THR A 22 -33.09 16.22 9.57
C THR A 22 -33.46 14.74 9.36
N LYS A 23 -32.67 14.04 8.55
CA LYS A 23 -33.01 12.67 8.16
C LYS A 23 -32.06 11.63 8.70
N ASP A 24 -32.54 10.40 8.85
CA ASP A 24 -31.74 9.28 9.31
C ASP A 24 -30.69 8.92 8.27
N LEU A 25 -31.06 9.03 6.99
CA LEU A 25 -30.26 8.49 5.89
C LEU A 25 -30.25 9.43 4.69
N TYR A 26 -29.05 9.66 4.15
CA TYR A 26 -28.88 10.51 2.99
C TYR A 26 -28.34 9.68 1.85
N GLU A 27 -28.78 10.00 0.63
CA GLU A 27 -28.28 9.30 -0.55
C GLU A 27 -26.83 9.68 -0.76
N LEU A 28 -26.08 8.83 -1.47
CA LEU A 28 -24.71 9.16 -1.81
C LEU A 28 -24.66 10.52 -2.52
N GLY A 29 -23.68 11.35 -2.15
CA GLY A 29 -23.56 12.68 -2.70
C GLY A 29 -24.22 13.73 -1.83
N ASP A 30 -25.09 13.26 -0.93
CA ASP A 30 -25.84 14.12 -0.03
C ASP A 30 -25.39 13.86 1.41
N ALA A 31 -25.75 14.77 2.31
CA ALA A 31 -25.34 14.67 3.69
C ALA A 31 -26.15 15.63 4.55
N PRO A 32 -26.15 15.39 5.86
CA PRO A 32 -26.73 16.37 6.79
C PRO A 32 -25.94 17.68 6.74
N PRO A 33 -26.45 18.75 7.37
CA PRO A 33 -25.71 20.01 7.36
C PRO A 33 -24.28 19.80 7.87
N LEU A 34 -23.33 20.51 7.29
CA LEU A 34 -21.94 20.44 7.72
C LEU A 34 -21.87 20.59 9.23
N GLY A 35 -21.12 19.69 9.88
CA GLY A 35 -21.02 19.69 11.32
C GLY A 35 -21.82 18.60 12.01
N THR A 36 -22.75 18.00 11.28
CA THR A 36 -23.69 17.02 11.85
C THR A 36 -23.53 15.62 11.26
N ALA A 37 -23.49 14.61 12.13
CA ALA A 37 -23.43 13.22 11.68
C ALA A 37 -24.83 12.64 11.51
N PRO A 38 -25.04 11.87 10.44
CA PRO A 38 -26.34 11.20 10.26
C PRO A 38 -26.39 9.93 11.10
N LYS A 39 -27.59 9.44 11.39
CA LYS A 39 -27.72 8.21 12.15
C LYS A 39 -27.27 7.01 11.34
N GLN A 40 -27.54 7.04 10.04
CA GLN A 40 -27.23 5.91 9.17
C GLN A 40 -26.59 6.34 7.86
N MET A 41 -26.09 5.35 7.13
CA MET A 41 -25.33 5.61 5.92
C MET A 41 -25.33 4.41 4.99
N TYR A 42 -25.03 4.66 3.72
CA TYR A 42 -24.76 3.59 2.78
C TYR A 42 -23.32 3.11 2.94
N ALA A 43 -23.11 1.82 2.78
CA ALA A 43 -21.77 1.24 2.84
C ALA A 43 -21.74 -0.04 2.03
N SER A 44 -20.55 -0.46 1.62
CA SER A 44 -20.40 -1.67 0.84
C SER A 44 -19.97 -2.80 1.77
N LEU A 45 -20.84 -3.80 1.92
CA LEU A 45 -20.62 -4.83 2.93
C LEU A 45 -20.24 -6.19 2.38
N ILE A 46 -19.29 -6.82 3.07
CA ILE A 46 -19.00 -8.23 2.88
C ILE A 46 -19.69 -9.00 4.01
N ARG A 47 -20.35 -10.10 3.67
CA ARG A 47 -20.94 -10.97 4.67
C ARG A 47 -20.41 -12.39 4.45
N GLN A 48 -20.37 -13.18 5.51
CA GLN A 48 -19.80 -14.53 5.44
C GLN A 48 -20.49 -15.39 4.39
N GLU A 49 -21.81 -15.23 4.26
CA GLU A 49 -22.58 -16.03 3.31
C GLU A 49 -22.19 -15.75 1.85
N ARG A 50 -21.47 -14.66 1.62
CA ARG A 50 -20.99 -14.38 0.27
C ARG A 50 -19.46 -14.29 0.15
N TYR A 51 -18.75 -14.90 1.10
CA TYR A 51 -17.32 -15.09 0.97
C TYR A 51 -17.00 -15.83 -0.32
N GLY A 52 -15.97 -15.39 -1.02
CA GLY A 52 -15.55 -16.03 -2.25
C GLY A 52 -15.02 -15.03 -3.26
N ARG A 53 -15.39 -15.22 -4.52
CA ARG A 53 -15.00 -14.30 -5.58
C ARG A 53 -15.38 -12.87 -5.22
N PRO A 54 -14.40 -11.96 -5.22
CA PRO A 54 -14.66 -10.57 -4.83
C PRO A 54 -15.84 -9.97 -5.59
N VAL A 55 -16.01 -10.35 -6.85
CA VAL A 55 -17.07 -9.78 -7.68
C VAL A 55 -18.47 -9.98 -7.06
N ASP A 56 -18.64 -11.03 -6.25
CA ASP A 56 -19.93 -11.34 -5.64
C ASP A 56 -19.94 -11.18 -4.12
N ALA A 57 -18.87 -10.61 -3.56
CA ALA A 57 -18.74 -10.54 -2.11
C ALA A 57 -19.31 -9.24 -1.52
N PHE A 58 -19.39 -8.20 -2.36
CA PHE A 58 -19.78 -6.88 -1.88
C PHE A 58 -21.21 -6.52 -2.26
N ARG A 59 -21.93 -5.91 -1.33
CA ARG A 59 -23.24 -5.38 -1.62
C ARG A 59 -23.51 -4.14 -0.80
N THR A 60 -24.08 -3.14 -1.46
CA THR A 60 -24.45 -1.90 -0.78
C THR A 60 -25.63 -2.13 0.16
N GLU A 61 -25.45 -1.72 1.41
CA GLU A 61 -26.49 -1.80 2.43
C GLU A 61 -26.49 -0.54 3.29
N VAL A 62 -27.53 -0.38 4.08
CA VAL A 62 -27.64 0.71 5.04
C VAL A 62 -27.21 0.21 6.41
N VAL A 63 -26.30 0.93 7.05
CA VAL A 63 -25.83 0.58 8.39
C VAL A 63 -25.83 1.80 9.29
N ASP A 64 -25.71 1.55 10.60
CA ASP A 64 -25.59 2.64 11.56
C ASP A 64 -24.19 3.25 11.49
N VAL A 65 -24.13 4.57 11.60
CA VAL A 65 -22.85 5.26 11.61
C VAL A 65 -22.25 5.13 13.01
N PRO A 66 -20.97 4.73 13.09
CA PRO A 66 -20.34 4.61 14.41
C PRO A 66 -20.19 5.96 15.09
N PRO A 67 -20.08 5.93 16.43
CA PRO A 67 -19.94 7.16 17.19
C PRO A 67 -18.59 7.83 16.95
N VAL A 68 -18.58 9.15 17.04
CA VAL A 68 -17.36 9.93 16.95
C VAL A 68 -16.91 10.24 18.36
N GLY A 69 -15.76 9.70 18.76
CA GLY A 69 -15.23 9.92 20.09
C GLY A 69 -14.24 11.08 20.15
N PRO A 70 -13.70 11.35 21.34
CA PRO A 70 -12.71 12.42 21.46
C PRO A 70 -11.51 12.11 20.56
N GLY A 71 -11.01 13.15 19.88
CA GLY A 71 -9.85 12.98 19.02
C GLY A 71 -10.19 12.38 17.68
N GLN A 72 -11.47 12.08 17.46
CA GLN A 72 -11.90 11.49 16.19
C GLN A 72 -12.70 12.48 15.34
N VAL A 73 -12.79 12.19 14.05
CA VAL A 73 -13.64 12.98 13.16
C VAL A 73 -14.49 12.02 12.32
N LEU A 74 -15.60 12.53 11.81
CA LEU A 74 -16.37 11.81 10.81
C LEU A 74 -16.08 12.43 9.46
N VAL A 75 -15.61 11.62 8.54
CA VAL A 75 -15.29 12.08 7.20
C VAL A 75 -16.40 11.70 6.23
N LYS A 76 -16.87 12.67 5.46
CA LYS A 76 -17.73 12.36 4.32
C LYS A 76 -16.79 11.87 3.23
N VAL A 77 -16.89 10.59 2.91
CA VAL A 77 -15.92 9.95 2.01
C VAL A 77 -16.24 10.30 0.58
N MET A 78 -15.31 10.93 -0.12
CA MET A 78 -15.54 11.34 -1.50
C MET A 78 -15.11 10.23 -2.46
N ALA A 79 -13.95 9.64 -2.21
CA ALA A 79 -13.52 8.47 -2.96
C ALA A 79 -12.69 7.59 -2.04
N ALA A 80 -12.57 6.32 -2.40
CA ALA A 80 -11.83 5.34 -1.61
C ALA A 80 -10.88 4.57 -2.51
N GLY A 81 -9.73 4.15 -1.97
CA GLY A 81 -8.78 3.37 -2.74
C GLY A 81 -9.10 1.89 -2.78
N VAL A 82 -8.56 1.21 -3.79
CA VAL A 82 -8.69 -0.25 -3.92
C VAL A 82 -7.42 -0.91 -3.37
N ASN A 83 -7.57 -2.10 -2.79
CA ASN A 83 -6.44 -2.70 -2.06
C ASN A 83 -6.51 -4.22 -2.05
N TYR A 84 -5.34 -4.86 -2.12
CA TYR A 84 -5.20 -6.31 -2.01
C TYR A 84 -5.94 -6.85 -0.79
N ASN A 85 -5.86 -6.12 0.32
CA ASN A 85 -6.40 -6.59 1.58
C ASN A 85 -7.89 -6.84 1.55
N ASN A 86 -8.60 -6.09 0.72
CA ASN A 86 -10.03 -6.31 0.59
C ASN A 86 -10.34 -7.60 -0.16
N VAL A 87 -9.41 -8.04 -1.01
CA VAL A 87 -9.51 -9.35 -1.66
C VAL A 87 -9.45 -10.45 -0.61
N TRP A 88 -8.48 -10.35 0.29
CA TRP A 88 -8.36 -11.28 1.41
C TRP A 88 -9.65 -11.32 2.21
N ALA A 89 -10.17 -10.14 2.53
CA ALA A 89 -11.40 -10.01 3.28
C ALA A 89 -12.58 -10.70 2.58
N ALA A 90 -12.70 -10.47 1.28
CA ALA A 90 -13.81 -11.01 0.49
C ALA A 90 -13.73 -12.53 0.41
N LEU A 91 -12.51 -13.08 0.39
CA LEU A 91 -12.33 -14.52 0.28
C LEU A 91 -12.61 -15.21 1.62
N GLY A 92 -12.23 -14.55 2.70
CA GLY A 92 -12.31 -15.14 4.03
C GLY A 92 -11.02 -15.90 4.32
N GLU A 93 -9.95 -15.52 3.65
CA GLU A 93 -8.64 -16.13 3.82
C GLU A 93 -7.53 -15.11 3.63
N PRO A 94 -6.41 -15.27 4.35
CA PRO A 94 -6.16 -16.41 5.24
C PRO A 94 -6.94 -16.30 6.54
N LEU A 95 -7.98 -15.48 6.57
CA LEU A 95 -8.69 -15.22 7.82
C LEU A 95 -10.16 -14.82 7.61
N ASP A 96 -11.04 -15.42 8.40
CA ASP A 96 -12.43 -15.00 8.44
C ASP A 96 -12.51 -13.75 9.31
N VAL A 97 -12.37 -12.59 8.67
CA VAL A 97 -12.34 -11.32 9.37
C VAL A 97 -13.56 -11.12 10.29
N ILE A 98 -14.73 -11.49 9.81
CA ILE A 98 -15.96 -11.29 10.58
C ILE A 98 -15.98 -12.16 11.84
N ALA A 99 -15.44 -13.38 11.72
CA ALA A 99 -15.37 -14.29 12.87
C ALA A 99 -14.26 -13.87 13.83
N ALA A 100 -13.09 -13.55 13.28
CA ALA A 100 -11.95 -13.12 14.09
C ALA A 100 -12.33 -11.91 14.93
N ARG A 101 -13.22 -11.08 14.38
CA ARG A 101 -13.61 -9.85 15.02
C ARG A 101 -14.72 -10.08 16.07
N GLN A 102 -15.57 -11.06 15.82
CA GLN A 102 -16.67 -11.40 16.74
C GLN A 102 -16.15 -12.02 18.03
N LYS A 103 -14.98 -12.65 17.95
CA LYS A 103 -14.34 -13.20 19.14
C LYS A 103 -13.91 -12.07 20.07
N GLN A 104 -13.38 -10.98 19.49
CA GLN A 104 -13.01 -9.79 20.27
C GLN A 104 -14.21 -9.23 21.01
N GLY A 105 -15.41 -9.72 20.66
CA GLY A 105 -16.64 -9.30 21.30
C GLY A 105 -17.51 -8.44 20.41
N ALA A 106 -17.13 -8.36 19.13
CA ALA A 106 -17.84 -7.51 18.19
C ALA A 106 -19.21 -8.08 17.87
N THR A 107 -20.15 -7.19 17.59
CA THR A 107 -21.54 -7.57 17.35
C THR A 107 -21.88 -7.73 15.87
N GLU A 108 -21.23 -6.94 15.02
CA GLU A 108 -21.56 -6.93 13.60
C GLU A 108 -21.29 -8.26 12.91
N ASP A 109 -22.18 -8.63 11.99
CA ASP A 109 -21.98 -9.82 11.17
C ASP A 109 -21.67 -9.44 9.73
N PHE A 110 -21.00 -8.30 9.57
CA PHE A 110 -20.57 -7.83 8.25
C PHE A 110 -19.21 -7.18 8.37
N HIS A 111 -18.54 -6.98 7.24
CA HIS A 111 -17.28 -6.26 7.21
C HIS A 111 -17.34 -5.16 6.17
N ILE A 112 -17.05 -3.94 6.61
CA ILE A 112 -16.91 -2.82 5.70
C ILE A 112 -15.42 -2.54 5.54
N GLY A 113 -14.89 -2.88 4.36
CA GLY A 113 -13.48 -2.71 4.09
C GLY A 113 -13.14 -1.33 3.56
N GLY A 114 -11.95 -1.22 2.97
CA GLY A 114 -11.45 0.05 2.45
C GLY A 114 -10.43 0.70 3.39
N SER A 115 -9.22 0.93 2.89
CA SER A 115 -8.09 1.46 3.67
C SER A 115 -7.31 2.62 2.99
N ASP A 116 -8.01 3.37 2.16
CA ASP A 116 -7.51 4.62 1.64
C ASP A 116 -8.74 5.44 1.34
N LEU A 117 -8.66 6.75 1.54
CA LEU A 117 -9.81 7.60 1.24
C LEU A 117 -9.39 9.04 1.11
N SER A 118 -10.16 9.79 0.32
CA SER A 118 -10.12 11.23 0.37
C SER A 118 -11.52 11.68 0.73
N GLY A 119 -11.62 12.81 1.41
CA GLY A 119 -12.93 13.28 1.80
C GLY A 119 -12.92 14.59 2.53
N ILE A 120 -14.08 14.93 3.09
CA ILE A 120 -14.28 16.19 3.77
C ILE A 120 -14.67 15.92 5.21
N VAL A 121 -13.96 16.53 6.15
CA VAL A 121 -14.33 16.39 7.55
C VAL A 121 -15.74 16.94 7.75
N TRP A 122 -16.64 16.10 8.25
CA TRP A 122 -18.05 16.49 8.39
C TRP A 122 -18.48 16.77 9.82
N ALA A 123 -17.88 16.08 10.77
CA ALA A 123 -18.18 16.29 12.18
C ALA A 123 -16.94 15.99 13.00
N VAL A 124 -16.80 16.64 14.15
CA VAL A 124 -15.61 16.47 14.96
C VAL A 124 -15.93 16.12 16.40
N GLY A 125 -15.10 15.26 16.99
CA GLY A 125 -15.20 14.90 18.39
C GLY A 125 -14.51 15.94 19.26
N ASP A 126 -14.49 15.69 20.57
CA ASP A 126 -13.84 16.61 21.50
C ASP A 126 -12.33 16.63 21.30
N GLY A 127 -11.73 17.81 21.47
CA GLY A 127 -10.28 17.95 21.48
C GLY A 127 -9.63 18.04 20.11
N VAL A 128 -10.44 17.96 19.05
CA VAL A 128 -9.92 17.95 17.68
C VAL A 128 -9.61 19.35 17.15
N ARG A 129 -8.51 19.47 16.41
CA ARG A 129 -8.09 20.74 15.84
C ARG A 129 -8.65 20.97 14.44
N LEU A 130 -8.81 19.88 13.67
CA LEU A 130 -9.46 19.96 12.38
C LEU A 130 -10.86 20.54 12.51
N LYS A 131 -11.30 21.26 11.49
CA LYS A 131 -12.65 21.81 11.50
C LYS A 131 -13.48 21.17 10.39
N PRO A 132 -14.80 21.11 10.55
CA PRO A 132 -15.62 20.65 9.43
C PRO A 132 -15.34 21.46 8.18
N GLY A 133 -15.25 20.78 7.03
CA GLY A 133 -14.90 21.42 5.79
C GLY A 133 -13.51 21.07 5.31
N ALA A 134 -12.66 20.68 6.26
CA ALA A 134 -11.27 20.34 5.93
C ALA A 134 -11.20 19.17 4.95
N GLU A 135 -10.41 19.32 3.90
CA GLU A 135 -10.23 18.26 2.91
C GLU A 135 -9.05 17.39 3.30
N VAL A 136 -9.31 16.10 3.48
CA VAL A 136 -8.30 15.19 4.00
C VAL A 136 -8.10 13.93 3.16
N VAL A 137 -6.90 13.37 3.26
CA VAL A 137 -6.64 12.00 2.85
C VAL A 137 -6.11 11.31 4.10
N VAL A 138 -6.24 10.00 4.15
CA VAL A 138 -5.95 9.27 5.36
C VAL A 138 -4.79 8.29 5.20
N LEU A 139 -3.99 8.16 6.26
CA LEU A 139 -3.11 7.01 6.38
C LEU A 139 -3.84 5.98 7.24
N ALA A 140 -4.15 4.83 6.65
CA ALA A 140 -5.08 3.87 7.25
C ALA A 140 -4.38 2.99 8.28
N CYS A 141 -3.72 3.63 9.23
N CYS A 141 -3.80 3.63 9.28
CA CYS A 141 -3.05 2.95 10.33
CA CYS A 141 -3.07 2.93 10.31
C CYS A 141 -3.53 3.55 11.64
C CYS A 141 -3.43 3.53 11.66
N ARG A 142 -3.86 2.68 12.60
CA ARG A 142 -4.14 3.14 13.95
C ARG A 142 -3.13 2.57 14.93
N TRP A 143 -2.92 3.28 16.03
CA TRP A 143 -2.08 2.84 17.13
C TRP A 143 -2.58 3.54 18.38
N ASP A 144 -2.13 3.05 19.53
CA ASP A 144 -2.45 3.67 20.81
C ASP A 144 -1.38 4.69 21.15
N GLU A 145 -1.72 5.98 21.13
CA GLU A 145 -0.74 7.05 21.39
C GLU A 145 -0.18 7.01 22.81
N SER A 146 -0.83 6.23 23.67
CA SER A 146 -0.35 6.03 25.04
C SER A 146 0.37 4.71 25.23
N ALA A 147 0.64 3.99 24.13
CA ALA A 147 1.30 2.70 24.22
C ALA A 147 2.66 2.79 24.92
N GLN A 148 2.97 1.78 25.70
CA GLN A 148 4.25 1.72 26.39
C GLN A 148 5.43 1.87 25.42
N ASP A 149 5.40 1.13 24.32
CA ASP A 149 6.52 1.17 23.40
C ASP A 149 6.70 2.56 22.76
N ILE A 150 5.62 3.18 22.30
CA ILE A 150 5.66 4.53 21.78
C ILE A 150 6.20 5.51 22.83
N ARG A 151 5.71 5.37 24.06
CA ARG A 151 6.18 6.24 25.12
C ARG A 151 7.70 6.14 25.32
N LEU A 152 8.25 4.94 25.14
CA LEU A 152 9.69 4.76 25.30
C LEU A 152 10.45 4.89 23.97
N GLY A 153 9.82 5.52 22.97
CA GLY A 153 10.55 5.93 21.78
C GLY A 153 10.24 5.21 20.48
N ALA A 154 9.34 4.23 20.49
CA ALA A 154 9.07 3.51 19.25
C ALA A 154 8.32 4.37 18.24
N ASP A 155 8.64 4.21 16.96
CA ASP A 155 7.85 4.84 15.91
C ASP A 155 6.45 4.20 15.97
N PRO A 156 5.39 5.02 16.06
CA PRO A 156 4.03 4.47 16.26
C PRO A 156 3.64 3.34 15.30
N VAL A 157 4.02 3.43 14.03
CA VAL A 157 3.63 2.42 13.06
C VAL A 157 4.23 1.05 13.40
N THR A 158 5.33 1.05 14.16
CA THR A 158 5.94 -0.21 14.62
C THR A 158 5.42 -0.69 15.98
N SER A 159 4.49 0.06 16.57
CA SER A 159 3.97 -0.31 17.88
C SER A 159 3.31 -1.68 17.92
N SER A 160 3.40 -2.33 19.07
CA SER A 160 2.61 -3.52 19.37
C SER A 160 1.12 -3.23 19.20
N THR A 161 0.75 -1.96 19.30
CA THR A 161 -0.66 -1.55 19.19
C THR A 161 -1.09 -1.12 17.80
N GLN A 162 -0.19 -1.21 16.81
CA GLN A 162 -0.54 -0.78 15.48
C GLN A 162 -1.45 -1.79 14.78
N ARG A 163 -2.40 -1.28 14.02
CA ARG A 163 -3.22 -2.15 13.17
C ARG A 163 -3.74 -1.38 11.96
N VAL A 164 -4.11 -2.13 10.93
CA VAL A 164 -4.55 -1.50 9.69
C VAL A 164 -6.05 -1.17 9.73
N TRP A 165 -6.35 0.11 9.69
CA TRP A 165 -7.72 0.62 9.67
C TRP A 165 -8.40 0.13 8.39
N GLY A 166 -9.65 -0.33 8.51
CA GLY A 166 -10.36 -0.82 7.33
C GLY A 166 -10.12 -2.26 6.95
N TYR A 167 -9.14 -2.91 7.60
CA TYR A 167 -8.90 -4.32 7.34
C TYR A 167 -8.84 -5.13 8.63
N GLU A 168 -7.93 -4.75 9.52
CA GLU A 168 -7.89 -5.34 10.85
C GLU A 168 -8.97 -4.77 11.76
N GLU A 169 -9.61 -3.69 11.32
CA GLU A 169 -10.78 -3.15 12.02
C GLU A 169 -11.93 -2.96 11.04
N ASN A 170 -13.15 -3.06 11.56
CA ASN A 170 -14.37 -2.85 10.76
C ASN A 170 -14.56 -1.37 10.47
N TYR A 171 -15.52 -1.05 9.60
CA TYR A 171 -15.87 0.32 9.26
C TYR A 171 -14.73 1.10 8.61
N GLY A 172 -14.29 0.58 7.47
CA GLY A 172 -13.32 1.26 6.64
C GLY A 172 -13.95 2.29 5.73
N SER A 173 -13.29 2.56 4.60
CA SER A 173 -13.64 3.68 3.73
C SER A 173 -14.66 3.35 2.64
N PHE A 174 -15.06 2.09 2.53
CA PHE A 174 -16.09 1.71 1.55
C PHE A 174 -17.45 2.04 2.16
N ALA A 175 -17.64 3.31 2.46
CA ALA A 175 -18.77 3.78 3.24
C ALA A 175 -18.97 5.27 3.01
N GLN A 176 -20.21 5.71 3.06
CA GLN A 176 -20.55 7.11 2.82
C GLN A 176 -19.83 8.03 3.81
N PHE A 177 -19.72 7.58 5.05
CA PHE A 177 -19.00 8.33 6.09
C PHE A 177 -18.05 7.36 6.79
N ALA A 178 -16.94 7.87 7.31
CA ALA A 178 -16.02 7.05 8.07
C ALA A 178 -15.49 7.79 9.28
N VAL A 179 -15.48 7.12 10.42
CA VAL A 179 -14.85 7.68 11.62
C VAL A 179 -13.36 7.37 11.54
N VAL A 180 -12.55 8.42 11.69
CA VAL A 180 -11.10 8.29 11.66
C VAL A 180 -10.53 9.08 12.81
N ASP A 181 -9.37 8.66 13.32
CA ASP A 181 -8.72 9.45 14.36
C ASP A 181 -8.00 10.61 13.72
N GLU A 182 -7.98 11.76 14.40
CA GLU A 182 -7.35 12.95 13.85
C GLU A 182 -5.92 12.69 13.39
N TYR A 183 -5.18 11.87 14.13
CA TYR A 183 -3.77 11.67 13.78
C TYR A 183 -3.60 10.96 12.44
N MET A 184 -4.67 10.36 11.93
CA MET A 184 -4.61 9.64 10.66
C MET A 184 -4.73 10.58 9.46
N CYS A 185 -5.05 11.84 9.72
CA CYS A 185 -5.44 12.74 8.64
C CYS A 185 -4.30 13.55 8.06
N HIS A 186 -4.37 13.81 6.76
CA HIS A 186 -3.37 14.62 6.07
C HIS A 186 -4.08 15.51 5.07
N PRO A 187 -3.52 16.68 4.78
CA PRO A 187 -4.22 17.63 3.90
C PRO A 187 -4.30 17.12 2.47
N LYS A 188 -5.50 17.12 1.90
CA LYS A 188 -5.67 16.68 0.51
C LYS A 188 -5.00 17.67 -0.44
N PRO A 189 -4.12 17.17 -1.33
CA PRO A 189 -3.56 18.07 -2.35
C PRO A 189 -4.68 18.66 -3.20
N GLN A 190 -4.73 19.98 -3.32
CA GLN A 190 -5.82 20.65 -4.02
C GLN A 190 -5.87 20.33 -5.52
N ARG A 191 -4.71 20.06 -6.11
CA ARG A 191 -4.64 19.82 -7.55
C ARG A 191 -5.26 18.48 -7.98
N LEU A 192 -5.44 17.57 -7.03
CA LEU A 192 -5.91 16.21 -7.35
C LEU A 192 -7.43 16.09 -7.32
N SER A 193 -7.96 15.27 -8.22
CA SER A 193 -9.37 14.89 -8.15
C SER A 193 -9.57 14.08 -6.86
N TRP A 194 -10.83 13.92 -6.44
CA TRP A 194 -11.09 13.10 -5.27
C TRP A 194 -10.57 11.67 -5.47
N ALA A 195 -10.76 11.12 -6.68
CA ALA A 195 -10.29 9.77 -6.96
C ALA A 195 -8.77 9.68 -6.83
N ALA A 196 -8.06 10.62 -7.46
CA ALA A 196 -6.60 10.58 -7.43
C ALA A 196 -6.07 10.73 -6.01
N ALA A 197 -6.71 11.59 -5.22
CA ALA A 197 -6.29 11.81 -3.83
C ALA A 197 -6.55 10.58 -2.97
N SER A 198 -7.57 9.79 -3.31
CA SER A 198 -7.93 8.62 -2.52
C SER A 198 -7.07 7.39 -2.82
N CYS A 199 -6.35 7.40 -3.94
CA CYS A 199 -5.77 6.17 -4.48
C CYS A 199 -4.35 5.89 -4.04
N TYR A 200 -3.70 6.87 -3.42
CA TYR A 200 -2.23 6.85 -3.34
C TYR A 200 -1.57 6.48 -2.01
N MET A 201 -2.22 6.73 -0.88
CA MET A 201 -1.50 6.70 0.38
C MET A 201 -0.90 5.33 0.73
N ALA A 202 -1.69 4.28 0.57
CA ALA A 202 -1.22 2.94 0.88
C ALA A 202 0.06 2.55 0.13
N THR A 203 0.14 2.85 -1.16
CA THR A 203 1.35 2.50 -1.90
C THR A 203 2.42 3.57 -1.79
N ALA A 204 2.04 4.84 -1.96
CA ALA A 204 3.05 5.89 -2.01
C ALA A 204 3.77 6.08 -0.67
N ALA A 205 3.01 6.10 0.42
CA ALA A 205 3.68 6.28 1.71
C ALA A 205 4.50 5.06 2.09
N THR A 206 4.03 3.86 1.74
CA THR A 206 4.80 2.65 2.00
C THR A 206 6.13 2.65 1.23
N ALA A 207 6.07 2.97 -0.06
CA ALA A 207 7.28 3.05 -0.88
C ALA A 207 8.23 4.13 -0.34
N TYR A 208 7.66 5.24 0.13
CA TYR A 208 8.48 6.32 0.66
C TYR A 208 9.20 5.88 1.92
N ARG A 209 8.51 5.20 2.83
CA ARG A 209 9.18 4.63 4.00
C ARG A 209 10.25 3.61 3.63
N GLN A 210 9.96 2.75 2.65
CA GLN A 210 10.96 1.79 2.19
C GLN A 210 12.26 2.47 1.74
N LEU A 211 12.13 3.53 0.96
CA LEU A 211 13.26 4.17 0.29
C LEU A 211 13.94 5.24 1.12
N PHE A 212 13.23 5.85 2.06
CA PHE A 212 13.78 7.00 2.80
C PHE A 212 13.62 6.89 4.30
N GLY A 213 13.07 5.76 4.76
CA GLY A 213 12.73 5.62 6.16
C GLY A 213 13.67 4.82 7.05
N TRP A 214 14.68 4.20 6.45
CA TRP A 214 15.55 3.29 7.19
C TRP A 214 17.00 3.74 7.15
N GLU A 215 17.33 4.79 7.90
CA GLU A 215 18.70 5.27 7.96
C GLU A 215 19.58 4.14 8.45
N PRO A 216 20.80 4.06 7.93
CA PRO A 216 21.43 4.96 6.97
C PRO A 216 21.29 4.47 5.51
N HIS A 217 20.32 3.61 5.26
CA HIS A 217 20.13 3.04 3.93
C HIS A 217 18.96 3.72 3.22
N THR A 218 19.17 4.96 2.80
CA THR A 218 18.15 5.73 2.09
C THR A 218 18.71 6.10 0.73
N VAL A 219 17.85 6.28 -0.26
CA VAL A 219 18.32 6.54 -1.64
C VAL A 219 19.00 7.91 -1.74
N ARG A 220 20.23 7.89 -2.27
CA ARG A 220 21.03 9.11 -2.45
C ARG A 220 21.23 9.36 -3.93
N PRO A 221 21.53 10.61 -4.32
CA PRO A 221 21.81 10.84 -5.75
C PRO A 221 22.90 9.90 -6.26
N GLY A 222 22.65 9.30 -7.42
CA GLY A 222 23.60 8.39 -8.03
C GLY A 222 23.38 6.92 -7.70
N ASP A 223 22.54 6.63 -6.71
CA ASP A 223 22.33 5.25 -6.31
C ASP A 223 21.46 4.50 -7.32
N PRO A 224 21.96 3.38 -7.84
CA PRO A 224 21.06 2.50 -8.59
C PRO A 224 20.10 1.81 -7.62
N VAL A 225 18.85 1.68 -8.02
CA VAL A 225 17.85 1.01 -7.19
C VAL A 225 17.09 0.04 -8.07
N LEU A 226 17.06 -1.22 -7.63
CA LEU A 226 16.31 -2.28 -8.31
C LEU A 226 14.88 -2.28 -7.77
N ILE A 227 13.93 -2.10 -8.65
CA ILE A 227 12.53 -1.99 -8.23
C ILE A 227 11.70 -3.11 -8.86
N TRP A 228 11.34 -4.11 -8.05
CA TRP A 228 10.43 -5.14 -8.54
C TRP A 228 9.05 -4.56 -8.79
N GLY A 229 8.35 -5.09 -9.79
CA GLY A 229 6.98 -4.67 -10.06
C GLY A 229 6.87 -3.19 -10.34
N GLY A 230 7.80 -2.68 -11.15
CA GLY A 230 7.88 -1.25 -11.45
C GLY A 230 6.60 -0.59 -11.94
N ALA A 231 5.81 -1.35 -12.70
CA ALA A 231 4.57 -0.82 -13.25
C ALA A 231 3.40 -0.91 -12.27
N GLY A 232 3.61 -1.60 -11.16
CA GLY A 232 2.59 -1.76 -10.14
C GLY A 232 2.42 -0.52 -9.26
N GLY A 233 1.61 -0.66 -8.22
CA GLY A 233 1.31 0.45 -7.35
C GLY A 233 2.54 0.99 -6.64
N LEU A 234 3.19 0.13 -5.86
CA LEU A 234 4.43 0.52 -5.18
C LEU A 234 5.49 0.96 -6.16
N GLY A 235 5.70 0.17 -7.21
CA GLY A 235 6.78 0.41 -8.14
C GLY A 235 6.62 1.73 -8.87
N SER A 236 5.40 2.09 -9.23
CA SER A 236 5.15 3.31 -9.99
C SER A 236 5.55 4.55 -9.18
N ILE A 237 5.30 4.51 -7.87
CA ILE A 237 5.73 5.61 -7.00
C ILE A 237 7.23 5.54 -6.77
N ALA A 238 7.75 4.34 -6.52
CA ALA A 238 9.19 4.15 -6.28
C ALA A 238 10.06 4.67 -7.42
N ILE A 239 9.68 4.37 -8.65
CA ILE A 239 10.49 4.84 -9.78
C ILE A 239 10.58 6.36 -9.78
N GLN A 240 9.44 7.02 -9.57
CA GLN A 240 9.43 8.49 -9.54
C GLN A 240 10.27 9.01 -8.39
N LEU A 241 10.15 8.39 -7.22
CA LEU A 241 10.92 8.88 -6.07
C LEU A 241 12.42 8.73 -6.30
N VAL A 242 12.84 7.60 -6.85
CA VAL A 242 14.25 7.35 -7.09
C VAL A 242 14.77 8.36 -8.12
N ARG A 243 14.01 8.54 -9.19
CA ARG A 243 14.40 9.52 -10.21
C ARG A 243 14.48 10.91 -9.60
N HIS A 244 13.51 11.25 -8.76
CA HIS A 244 13.44 12.60 -8.22
C HIS A 244 14.68 12.98 -7.41
N VAL A 245 15.21 12.03 -6.65
CA VAL A 245 16.39 12.33 -5.83
C VAL A 245 17.71 12.09 -6.57
N GLY A 246 17.62 11.83 -7.88
CA GLY A 246 18.81 11.64 -8.70
C GLY A 246 19.37 10.23 -8.69
N GLY A 247 18.60 9.29 -8.15
CA GLY A 247 18.99 7.88 -8.17
C GLY A 247 18.74 7.32 -9.55
N ILE A 248 19.09 6.05 -9.77
CA ILE A 248 18.93 5.42 -11.07
C ILE A 248 18.00 4.22 -10.94
N PRO A 249 16.74 4.37 -11.36
CA PRO A 249 15.77 3.31 -11.14
C PRO A 249 15.81 2.27 -12.25
N VAL A 250 15.99 1.02 -11.87
CA VAL A 250 15.92 -0.08 -12.83
C VAL A 250 14.69 -0.91 -12.45
N ALA A 251 13.72 -0.97 -13.36
CA ALA A 251 12.44 -1.64 -13.08
C ALA A 251 12.41 -3.08 -13.57
N VAL A 252 11.70 -3.93 -12.86
CA VAL A 252 11.40 -5.28 -13.34
C VAL A 252 9.93 -5.33 -13.75
N VAL A 253 9.65 -5.95 -14.89
CA VAL A 253 8.31 -5.99 -15.46
C VAL A 253 8.08 -7.33 -16.13
N SER A 254 6.84 -7.59 -16.54
CA SER A 254 6.53 -8.83 -17.25
C SER A 254 5.96 -8.58 -18.65
N SER A 255 6.04 -7.35 -19.13
CA SER A 255 5.66 -7.06 -20.51
C SER A 255 6.34 -5.79 -21.02
N GLU A 256 6.49 -5.69 -22.34
CA GLU A 256 7.04 -4.49 -22.95
C GLU A 256 6.18 -3.27 -22.67
N GLU A 257 4.86 -3.45 -22.69
CA GLU A 257 3.94 -2.36 -22.44
C GLU A 257 4.18 -1.77 -21.04
N ARG A 258 4.37 -2.66 -20.07
CA ARG A 258 4.64 -2.25 -18.71
C ARG A 258 6.03 -1.63 -18.56
N GLY A 259 6.99 -2.15 -19.33
CA GLY A 259 8.31 -1.55 -19.37
C GLY A 259 8.23 -0.12 -19.86
N GLU A 260 7.43 0.11 -20.89
CA GLU A 260 7.26 1.45 -21.45
C GLU A 260 6.64 2.40 -20.45
N PHE A 261 5.70 1.90 -19.65
CA PHE A 261 5.12 2.71 -18.58
C PHE A 261 6.22 3.13 -17.61
N CYS A 262 7.11 2.20 -17.27
CA CYS A 262 8.18 2.49 -16.34
C CYS A 262 9.14 3.54 -16.89
N MET A 263 9.38 3.50 -18.20
CA MET A 263 10.21 4.50 -18.84
C MET A 263 9.58 5.88 -18.75
N ARG A 264 8.27 5.95 -18.94
CA ARG A 264 7.56 7.21 -18.86
C ARG A 264 7.62 7.80 -17.45
N LEU A 265 7.78 6.92 -16.46
CA LEU A 265 7.84 7.36 -15.07
C LEU A 265 9.24 7.78 -14.66
N GLY A 266 10.21 7.51 -15.52
CA GLY A 266 11.57 7.94 -15.29
C GLY A 266 12.59 6.83 -15.07
N ALA A 267 12.21 5.59 -15.34
CA ALA A 267 13.15 4.47 -15.21
C ALA A 267 14.33 4.60 -16.17
N LYS A 268 15.50 4.13 -15.75
CA LYS A 268 16.67 4.07 -16.63
C LYS A 268 16.44 3.01 -17.69
N GLY A 269 15.75 1.94 -17.29
CA GLY A 269 15.45 0.84 -18.18
C GLY A 269 14.71 -0.22 -17.40
N TRP A 270 14.39 -1.33 -18.06
CA TRP A 270 13.65 -2.40 -17.40
C TRP A 270 14.16 -3.78 -17.77
N ILE A 271 13.89 -4.73 -16.89
CA ILE A 271 14.26 -6.13 -17.06
C ILE A 271 12.98 -6.96 -17.10
N ASP A 272 12.87 -7.82 -18.10
CA ASP A 272 11.72 -8.69 -18.27
C ASP A 272 11.94 -9.96 -17.46
N ARG A 273 11.19 -10.14 -16.37
CA ARG A 273 11.40 -11.31 -15.52
C ARG A 273 11.09 -12.64 -16.20
N ARG A 274 10.32 -12.60 -17.28
CA ARG A 274 9.96 -13.81 -18.01
C ARG A 274 11.17 -14.48 -18.66
N GLU A 275 12.27 -13.75 -18.75
CA GLU A 275 13.46 -14.26 -19.45
C GLU A 275 14.36 -15.07 -18.52
N PHE A 276 13.88 -15.32 -17.30
CA PHE A 276 14.65 -16.06 -16.31
C PHE A 276 13.75 -17.12 -15.66
N ASP A 277 14.35 -18.19 -15.16
CA ASP A 277 13.56 -19.27 -14.59
C ASP A 277 14.17 -19.88 -13.32
N HIS A 278 14.99 -19.09 -12.61
CA HIS A 278 15.57 -19.57 -11.36
C HIS A 278 14.74 -19.08 -10.17
N TRP A 279 13.64 -18.40 -10.46
CA TRP A 279 12.75 -17.84 -9.44
C TRP A 279 12.25 -18.88 -8.44
N GLY A 280 12.14 -18.47 -7.19
CA GLY A 280 11.61 -19.34 -6.16
C GLY A 280 12.56 -19.55 -4.99
N ARG A 281 12.22 -20.51 -4.14
CA ARG A 281 13.03 -20.83 -2.97
C ARG A 281 14.45 -21.23 -3.32
N LEU A 282 15.36 -21.02 -2.38
CA LEU A 282 16.75 -21.40 -2.56
C LEU A 282 16.94 -22.89 -2.32
N PRO A 283 17.74 -23.55 -3.16
CA PRO A 283 18.08 -24.94 -2.85
C PRO A 283 18.88 -25.00 -1.56
N ASP A 284 19.00 -26.19 -0.99
CA ASP A 284 19.95 -26.40 0.10
C ASP A 284 21.34 -25.97 -0.37
N THR A 285 22.03 -25.18 0.45
CA THR A 285 23.32 -24.65 0.05
C THR A 285 24.40 -25.73 -0.09
N THR A 286 24.09 -26.95 0.36
CA THR A 286 25.02 -28.08 0.20
C THR A 286 24.76 -28.82 -1.10
N ASP A 287 23.67 -28.50 -1.78
CA ASP A 287 23.34 -29.10 -3.07
C ASP A 287 24.11 -28.35 -4.16
N GLU A 288 25.33 -28.79 -4.45
CA GLU A 288 26.20 -28.04 -5.34
C GLU A 288 25.66 -27.87 -6.77
N GLU A 289 25.07 -28.91 -7.34
CA GLU A 289 24.50 -28.79 -8.68
C GLU A 289 23.32 -27.82 -8.70
N ALA A 290 22.47 -27.90 -7.67
CA ALA A 290 21.31 -27.04 -7.60
C ALA A 290 21.73 -25.58 -7.41
N MET A 291 22.72 -25.35 -6.56
CA MET A 291 23.24 -24.00 -6.35
C MET A 291 23.90 -23.42 -7.59
N LYS A 292 24.63 -24.26 -8.31
CA LYS A 292 25.28 -23.80 -9.53
C LYS A 292 24.25 -23.43 -10.60
N GLN A 293 23.18 -24.21 -10.70
CA GLN A 293 22.07 -23.88 -11.56
C GLN A 293 21.42 -22.55 -11.13
N TRP A 294 21.15 -22.43 -9.84
CA TRP A 294 20.55 -21.19 -9.34
C TRP A 294 21.43 -19.98 -9.62
N LEU A 295 22.71 -20.12 -9.32
CA LEU A 295 23.64 -19.01 -9.49
C LEU A 295 23.73 -18.59 -10.95
N ASP A 296 23.62 -19.56 -11.85
CA ASP A 296 23.63 -19.24 -13.28
C ASP A 296 22.49 -18.29 -13.63
N GLY A 297 21.31 -18.50 -13.06
CA GLY A 297 20.17 -17.65 -13.33
C GLY A 297 20.32 -16.27 -12.71
N ALA A 298 20.78 -16.25 -11.45
CA ALA A 298 20.98 -15.00 -10.73
C ALA A 298 22.03 -14.14 -11.42
N ARG A 299 23.10 -14.77 -11.90
CA ARG A 299 24.18 -14.02 -12.56
C ARG A 299 23.70 -13.49 -13.91
N ALA A 300 22.87 -14.27 -14.61
CA ALA A 300 22.28 -13.82 -15.87
C ALA A 300 21.43 -12.58 -15.61
N PHE A 301 20.66 -12.61 -14.52
CA PHE A 301 19.85 -11.46 -14.16
C PHE A 301 20.76 -10.28 -13.84
N GLY A 302 21.81 -10.52 -13.07
CA GLY A 302 22.78 -9.49 -12.77
C GLY A 302 23.44 -8.86 -13.99
N ARG A 303 23.78 -9.68 -14.98
CA ARG A 303 24.40 -9.11 -16.18
C ARG A 303 23.41 -8.24 -16.94
N ARG A 304 22.14 -8.63 -16.93
CA ARG A 304 21.10 -7.83 -17.58
C ARG A 304 20.94 -6.51 -16.83
N PHE A 305 21.04 -6.56 -15.51
CA PHE A 305 21.01 -5.34 -14.71
C PHE A 305 22.14 -4.38 -15.10
N TRP A 306 23.36 -4.92 -15.25
CA TRP A 306 24.51 -4.12 -15.69
C TRP A 306 24.24 -3.47 -17.04
N GLU A 307 23.62 -4.23 -17.95
CA GLU A 307 23.31 -3.73 -19.29
C GLU A 307 22.38 -2.53 -19.25
N VAL A 308 21.32 -2.62 -18.44
CA VAL A 308 20.37 -1.53 -18.35
C VAL A 308 21.03 -0.30 -17.75
N LEU A 309 21.88 -0.54 -16.76
CA LEU A 309 22.57 0.53 -16.05
C LEU A 309 23.68 1.17 -16.90
N GLY A 310 24.29 0.40 -17.78
CA GLY A 310 25.39 0.91 -18.59
C GLY A 310 26.71 0.86 -17.86
N GLU A 311 26.69 0.29 -16.67
CA GLU A 311 27.91 0.10 -15.89
C GLU A 311 27.80 -1.11 -14.97
N ARG A 312 28.94 -1.68 -14.63
CA ARG A 312 29.02 -2.83 -13.75
C ARG A 312 28.95 -2.39 -12.31
N ARG A 313 27.74 -2.14 -11.85
CA ARG A 313 27.49 -1.71 -10.49
C ARG A 313 26.28 -2.48 -9.96
N ALA A 314 26.20 -2.61 -8.63
CA ALA A 314 25.06 -3.24 -7.98
C ALA A 314 24.09 -2.20 -7.47
N PRO A 315 22.81 -2.57 -7.34
CA PRO A 315 21.85 -1.63 -6.73
C PRO A 315 22.16 -1.45 -5.25
N ARG A 316 22.17 -0.21 -4.78
CA ARG A 316 22.41 0.03 -3.35
C ARG A 316 21.18 -0.36 -2.52
N ILE A 317 20.00 -0.15 -3.10
CA ILE A 317 18.74 -0.51 -2.46
C ILE A 317 17.92 -1.33 -3.46
N VAL A 318 17.25 -2.35 -2.94
CA VAL A 318 16.33 -3.18 -3.70
C VAL A 318 14.95 -3.04 -3.05
N LEU A 319 13.97 -2.56 -3.82
CA LEU A 319 12.61 -2.40 -3.33
C LEU A 319 11.85 -3.69 -3.57
N GLU A 320 11.61 -4.43 -2.50
CA GLU A 320 10.98 -5.74 -2.53
C GLU A 320 9.53 -5.73 -2.07
N HIS A 321 8.82 -6.79 -2.43
CA HIS A 321 7.39 -6.95 -2.11
C HIS A 321 6.89 -8.22 -2.79
N SER A 322 7.59 -8.66 -3.84
CA SER A 322 7.22 -9.89 -4.52
C SER A 322 7.51 -11.13 -3.67
N GLY A 323 8.57 -11.08 -2.86
CA GLY A 323 8.77 -12.09 -1.84
C GLY A 323 9.49 -13.34 -2.26
N ALA A 324 8.86 -14.50 -2.03
CA ALA A 324 9.52 -15.78 -2.20
C ALA A 324 10.23 -15.97 -3.54
N ASP A 325 9.59 -15.58 -4.63
CA ASP A 325 10.19 -15.82 -5.95
C ASP A 325 11.47 -15.03 -6.16
N THR A 326 11.54 -13.86 -5.55
CA THR A 326 12.56 -12.88 -5.92
C THR A 326 13.61 -12.63 -4.85
N ILE A 327 13.29 -12.96 -3.59
CA ILE A 327 14.18 -12.60 -2.49
C ILE A 327 15.61 -13.12 -2.64
N PRO A 328 15.79 -14.39 -3.06
CA PRO A 328 17.18 -14.86 -3.23
C PRO A 328 17.97 -14.02 -4.23
N THR A 329 17.32 -13.61 -5.32
CA THR A 329 17.95 -12.73 -6.30
C THR A 329 18.21 -11.34 -5.73
N SER A 330 17.24 -10.80 -5.01
CA SER A 330 17.43 -9.50 -4.38
C SER A 330 18.64 -9.46 -3.46
N ILE A 331 18.77 -10.48 -2.62
CA ILE A 331 19.88 -10.60 -1.69
C ILE A 331 21.22 -10.71 -2.45
N TYR A 332 21.23 -11.51 -3.50
CA TYR A 332 22.41 -11.62 -4.33
C TYR A 332 22.78 -10.26 -4.94
N MET A 333 21.77 -9.56 -5.46
CA MET A 333 22.00 -8.32 -6.20
C MET A 333 22.48 -7.14 -5.37
N ALA A 334 22.03 -7.04 -4.12
CA ALA A 334 22.30 -5.82 -3.34
C ALA A 334 23.79 -5.57 -3.17
N ASP A 335 24.19 -4.30 -3.23
CA ASP A 335 25.59 -3.92 -3.09
C ASP A 335 26.11 -4.21 -1.68
N ASN A 336 27.43 -4.25 -1.54
CA ASN A 336 28.04 -4.28 -0.22
C ASN A 336 27.43 -3.15 0.62
N ALA A 337 27.13 -3.47 1.87
CA ALA A 337 26.53 -2.49 2.78
C ALA A 337 25.22 -1.90 2.25
N GLY A 338 24.56 -2.64 1.37
CA GLY A 338 23.29 -2.22 0.79
C GLY A 338 22.09 -2.76 1.55
N MET A 339 20.90 -2.50 1.00
CA MET A 339 19.67 -2.93 1.69
C MET A 339 18.64 -3.47 0.71
N VAL A 340 18.05 -4.60 1.07
CA VAL A 340 16.85 -5.11 0.43
C VAL A 340 15.73 -4.79 1.43
N VAL A 341 14.76 -4.01 1.02
CA VAL A 341 13.67 -3.61 1.93
C VAL A 341 12.34 -4.12 1.39
N ILE A 342 11.60 -4.86 2.22
CA ILE A 342 10.45 -5.60 1.74
C ILE A 342 9.21 -5.33 2.59
N CYS A 343 8.07 -5.16 1.91
CA CYS A 343 6.81 -4.84 2.60
C CYS A 343 5.67 -5.80 2.28
N GLY A 344 5.98 -6.95 1.69
CA GLY A 344 4.94 -7.92 1.36
C GLY A 344 5.56 -9.18 0.80
N GLY A 345 4.72 -10.11 0.37
CA GLY A 345 5.20 -11.34 -0.22
C GLY A 345 4.18 -11.86 -1.19
N THR A 346 3.96 -11.11 -2.27
CA THR A 346 2.95 -11.46 -3.28
C THR A 346 3.04 -12.93 -3.73
N THR A 347 4.26 -13.41 -3.94
CA THR A 347 4.46 -14.75 -4.48
C THR A 347 4.68 -15.82 -3.42
N GLY A 348 4.64 -15.44 -2.15
CA GLY A 348 4.92 -16.39 -1.09
C GLY A 348 5.77 -15.82 0.01
N TYR A 349 5.76 -16.47 1.17
CA TYR A 349 6.35 -15.89 2.37
C TYR A 349 7.67 -16.49 2.79
N ASN A 350 8.17 -17.48 2.04
CA ASN A 350 9.51 -17.99 2.30
C ASN A 350 10.52 -17.04 1.68
N GLY A 351 11.20 -16.25 2.49
CA GLY A 351 12.31 -15.44 2.01
C GLY A 351 13.62 -16.14 2.31
N ASP A 352 14.17 -16.83 1.31
CA ASP A 352 15.36 -17.63 1.53
C ASP A 352 16.63 -16.84 1.26
N VAL A 353 17.45 -16.68 2.30
CA VAL A 353 18.66 -15.88 2.26
C VAL A 353 19.85 -16.81 2.18
N ASP A 354 20.78 -16.53 1.26
CA ASP A 354 22.08 -17.18 1.32
C ASP A 354 22.90 -16.34 2.29
N LEU A 355 23.09 -16.88 3.49
CA LEU A 355 23.76 -16.11 4.55
C LEU A 355 25.16 -15.64 4.15
N ARG A 356 25.83 -16.37 3.27
CA ARG A 356 27.16 -15.94 2.84
C ARG A 356 27.15 -14.57 2.16
N PHE A 357 26.20 -14.34 1.26
CA PHE A 357 26.09 -13.03 0.62
C PHE A 357 25.73 -11.98 1.66
N LEU A 358 24.81 -12.32 2.55
CA LEU A 358 24.37 -11.38 3.55
C LEU A 358 25.48 -10.94 4.50
N TRP A 359 26.20 -11.89 5.12
CA TRP A 359 27.19 -11.48 6.10
C TRP A 359 28.51 -11.02 5.47
N MET A 360 28.98 -11.71 4.46
CA MET A 360 30.30 -11.38 3.91
C MET A 360 30.33 -10.00 3.28
N ARG A 361 29.20 -9.57 2.73
CA ARG A 361 29.10 -8.25 2.12
C ARG A 361 28.28 -7.28 2.97
N GLN A 362 27.93 -7.72 4.18
CA GLN A 362 27.28 -6.88 5.20
C GLN A 362 26.03 -6.18 4.68
N LYS A 363 25.12 -6.99 4.14
CA LYS A 363 23.88 -6.49 3.56
C LYS A 363 22.76 -6.50 4.60
N ARG A 364 21.79 -5.63 4.38
CA ARG A 364 20.63 -5.48 5.27
C ARG A 364 19.37 -5.96 4.56
N LEU A 365 18.63 -6.84 5.22
CA LEU A 365 17.31 -7.24 4.77
C LEU A 365 16.32 -6.65 5.76
N GLN A 366 15.58 -5.65 5.30
CA GLN A 366 14.74 -4.85 6.19
C GLN A 366 13.27 -5.07 5.91
N GLY A 367 12.51 -5.49 6.92
CA GLY A 367 11.05 -5.50 6.83
C GLY A 367 10.49 -4.10 7.04
N SER A 368 9.47 -3.74 6.27
CA SER A 368 8.86 -2.43 6.39
C SER A 368 7.36 -2.58 6.17
N HIS A 369 6.57 -1.73 6.81
CA HIS A 369 5.12 -1.81 6.73
C HIS A 369 4.55 -0.43 6.82
N ALA A 370 3.63 -0.11 5.90
CA ALA A 370 2.90 1.14 5.90
C ALA A 370 3.86 2.33 6.01
N ALA A 371 3.52 3.32 6.84
CA ALA A 371 4.33 4.53 6.97
C ALA A 371 4.05 5.17 8.31
N SER A 372 4.96 6.03 8.75
CA SER A 372 4.65 6.90 9.88
C SER A 372 3.78 8.06 9.41
N ALA A 373 3.12 8.73 10.35
CA ALA A 373 2.42 9.96 10.00
C ALA A 373 3.34 10.98 9.31
N ARG A 374 4.56 11.10 9.80
CA ARG A 374 5.54 12.01 9.19
C ARG A 374 5.78 11.67 7.72
N GLU A 375 5.95 10.38 7.45
CA GLU A 375 6.17 9.91 6.09
C GLU A 375 4.94 10.13 5.22
N ALA A 376 3.75 9.84 5.73
CA ALA A 376 2.53 10.14 4.99
C ALA A 376 2.44 11.62 4.62
N ARG A 377 2.82 12.49 5.57
CA ARG A 377 2.76 13.93 5.33
C ARG A 377 3.79 14.35 4.30
N GLU A 378 5.00 13.80 4.39
CA GLU A 378 6.06 14.14 3.43
C GLU A 378 5.74 13.70 1.99
N ILE A 379 5.25 12.46 1.81
CA ILE A 379 4.94 12.03 0.45
C ILE A 379 3.75 12.85 -0.09
N THR A 380 2.81 13.20 0.79
CA THR A 380 1.71 14.07 0.39
C THR A 380 2.23 15.43 -0.09
N ARG A 381 3.22 15.96 0.60
CA ARG A 381 3.84 17.22 0.20
C ARG A 381 4.47 17.11 -1.19
N LEU A 382 5.20 16.03 -1.45
CA LEU A 382 5.83 15.86 -2.76
C LEU A 382 4.79 15.71 -3.86
N ILE A 383 3.70 15.01 -3.55
CA ILE A 383 2.62 14.87 -4.50
C ILE A 383 1.94 16.22 -4.74
N ASP A 384 1.67 16.95 -3.66
CA ASP A 384 1.05 18.26 -3.78
C ASP A 384 1.86 19.20 -4.67
N GLN A 385 3.17 19.18 -4.51
CA GLN A 385 4.02 20.10 -5.26
C GLN A 385 4.30 19.63 -6.67
N GLY A 386 3.80 18.45 -7.03
CA GLY A 386 3.91 17.97 -8.39
C GLY A 386 5.16 17.18 -8.70
N ALA A 387 5.99 16.91 -7.69
CA ALA A 387 7.17 16.10 -7.90
C ALA A 387 6.81 14.64 -8.18
N ILE A 388 5.68 14.20 -7.62
CA ILE A 388 5.27 12.80 -7.70
C ILE A 388 3.80 12.74 -8.13
N ASP A 389 3.52 11.86 -9.09
CA ASP A 389 2.15 11.63 -9.54
C ASP A 389 1.60 10.37 -8.89
N PRO A 390 0.35 10.42 -8.40
CA PRO A 390 -0.27 9.25 -7.74
C PRO A 390 -0.57 8.09 -8.68
N CYS A 391 -0.52 8.33 -9.99
CA CYS A 391 -0.71 7.26 -10.97
C CYS A 391 -2.09 6.60 -10.92
N LEU A 392 -3.14 7.41 -10.87
CA LEU A 392 -4.49 6.90 -10.92
C LEU A 392 -4.76 6.32 -12.30
N SER A 393 -5.05 5.01 -12.36
CA SER A 393 -5.21 4.32 -13.64
C SER A 393 -6.66 4.07 -14.03
N ARG A 394 -7.53 3.93 -13.05
CA ARG A 394 -8.94 3.64 -13.33
C ARG A 394 -9.80 3.97 -12.12
N THR A 395 -10.96 4.55 -12.39
CA THR A 395 -11.91 4.95 -11.36
C THR A 395 -13.20 4.14 -11.52
N PHE A 396 -13.72 3.63 -10.41
CA PHE A 396 -14.95 2.83 -10.41
C PHE A 396 -16.08 3.53 -9.68
N GLY A 397 -17.32 3.14 -9.97
CA GLY A 397 -18.47 3.58 -9.20
C GLY A 397 -18.62 2.72 -7.95
N PHE A 398 -19.42 3.20 -7.01
CA PHE A 398 -19.59 2.53 -5.72
C PHE A 398 -20.12 1.11 -5.86
N GLU A 399 -20.92 0.88 -6.89
CA GLU A 399 -21.50 -0.44 -7.13
C GLU A 399 -20.51 -1.40 -7.80
N GLU A 400 -19.31 -0.92 -8.12
CA GLU A 400 -18.29 -1.71 -8.80
C GLU A 400 -17.12 -2.11 -7.91
N ILE A 401 -17.27 -1.96 -6.60
CA ILE A 401 -16.21 -2.33 -5.67
C ILE A 401 -15.82 -3.81 -5.84
N GLY A 402 -16.82 -4.67 -6.00
CA GLY A 402 -16.57 -6.08 -6.26
C GLY A 402 -15.77 -6.33 -7.53
N LEU A 403 -16.20 -5.71 -8.63
CA LEU A 403 -15.50 -5.83 -9.91
C LEU A 403 -14.03 -5.39 -9.79
N ALA A 404 -13.82 -4.25 -9.16
CA ALA A 404 -12.48 -3.70 -8.99
C ALA A 404 -11.54 -4.70 -8.29
N HIS A 405 -12.03 -5.31 -7.23
CA HIS A 405 -11.21 -6.26 -6.48
C HIS A 405 -11.08 -7.61 -7.18
N GLN A 406 -12.05 -7.92 -8.02
CA GLN A 406 -11.98 -9.13 -8.82
C GLN A 406 -10.82 -9.00 -9.81
N LEU A 407 -10.67 -7.81 -10.37
CA LEU A 407 -9.56 -7.53 -11.28
C LEU A 407 -8.22 -7.80 -10.62
N ILE A 408 -8.04 -7.31 -9.40
CA ILE A 408 -6.80 -7.53 -8.66
C ILE A 408 -6.62 -9.01 -8.35
N HIS A 409 -7.70 -9.65 -7.93
CA HIS A 409 -7.69 -11.09 -7.66
C HIS A 409 -7.17 -11.88 -8.85
N ASP A 410 -7.61 -11.50 -10.05
CA ASP A 410 -7.25 -12.20 -11.28
C ASP A 410 -5.97 -11.66 -11.92
N ASN A 411 -5.34 -10.70 -11.25
CA ASN A 411 -4.14 -10.05 -11.77
C ASN A 411 -4.39 -9.43 -13.14
N GLN A 412 -5.59 -8.88 -13.31
CA GLN A 412 -5.94 -8.21 -14.56
C GLN A 412 -6.10 -6.71 -14.37
N HIS A 413 -5.73 -6.21 -13.19
CA HIS A 413 -5.78 -4.78 -12.92
C HIS A 413 -4.72 -4.02 -13.72
N PRO A 414 -5.02 -2.77 -14.10
CA PRO A 414 -4.05 -1.98 -14.87
C PRO A 414 -2.88 -1.54 -14.02
N SER A 415 -1.84 -1.00 -14.66
CA SER A 415 -0.70 -0.43 -13.96
C SER A 415 -1.15 0.71 -13.06
N GLY A 416 -0.37 1.00 -12.04
CA GLY A 416 -0.67 2.11 -11.15
C GLY A 416 -1.72 1.78 -10.10
N ASN A 417 -2.49 2.81 -9.69
CA ASN A 417 -3.42 2.71 -8.57
C ASN A 417 -4.86 2.98 -9.01
N MET A 418 -5.81 2.33 -8.35
CA MET A 418 -7.23 2.50 -8.69
C MET A 418 -8.05 3.11 -7.56
N ALA A 419 -9.22 3.65 -7.90
CA ALA A 419 -10.06 4.32 -6.92
C ALA A 419 -11.53 4.04 -7.18
N VAL A 420 -12.34 4.22 -6.13
CA VAL A 420 -13.78 4.06 -6.21
C VAL A 420 -14.45 5.36 -5.77
N LEU A 421 -15.41 5.84 -6.55
CA LEU A 421 -16.15 7.03 -6.15
C LEU A 421 -17.16 6.65 -5.07
N VAL A 422 -17.27 7.50 -4.05
CA VAL A 422 -18.24 7.29 -2.99
C VAL A 422 -19.29 8.40 -3.01
N ASN A 423 -19.04 9.53 -2.35
CA ASN A 423 -19.92 10.69 -2.49
C ASN A 423 -19.55 11.60 -3.67
N ALA A 424 -18.35 11.43 -4.21
CA ALA A 424 -17.92 12.26 -5.35
C ALA A 424 -18.64 11.84 -6.63
N THR A 425 -18.87 12.80 -7.52
CA THR A 425 -19.51 12.50 -8.80
C THR A 425 -18.58 12.80 -9.98
PA NAP B . 0.59 -4.37 -7.75
O1A NAP B . 0.06 -3.07 -8.27
O2A NAP B . -0.14 -5.65 -8.15
O5B NAP B . 2.12 -4.49 -8.18
C5B NAP B . 2.85 -5.67 -7.89
C4B NAP B . 3.63 -6.08 -9.12
O4B NAP B . 4.57 -7.08 -8.75
C3B NAP B . 2.78 -6.76 -10.18
O3B NAP B . 1.98 -5.84 -10.92
C2B NAP B . 3.83 -7.49 -10.99
O2B NAP B . 4.41 -6.71 -12.05
C1B NAP B . 4.90 -7.81 -9.93
N9A NAP B . 4.94 -9.27 -9.74
C8A NAP B . 3.89 -10.11 -9.65
N7A NAP B . 4.31 -11.40 -9.53
C5A NAP B . 5.67 -11.39 -9.59
C6A NAP B . 6.77 -12.38 -9.53
N6A NAP B . 6.52 -13.70 -9.40
N1A NAP B . 8.03 -11.91 -9.61
C2A NAP B . 8.31 -10.61 -9.73
N3A NAP B . 7.38 -9.65 -9.79
C4A NAP B . 6.06 -9.98 -9.73
O3 NAP B . 0.61 -4.38 -6.13
PN NAP B . 1.29 -3.28 -5.17
O1N NAP B . 0.22 -2.38 -4.63
O2N NAP B . 2.50 -2.67 -5.81
O5D NAP B . 1.75 -4.24 -3.98
C5D NAP B . 2.75 -5.25 -4.12
C4D NAP B . 2.82 -6.06 -2.83
O4D NAP B . 3.16 -5.21 -1.74
C3D NAP B . 1.47 -6.69 -2.47
O3D NAP B . 1.67 -8.01 -1.97
C2D NAP B . 0.92 -5.80 -1.38
O2D NAP B . 0.03 -6.48 -0.48
C1D NAP B . 2.18 -5.29 -0.70
N1N NAP B . 2.00 -3.99 -0.08
C2N NAP B . 2.18 -3.87 1.24
C3N NAP B . 2.01 -2.66 1.88
C7N NAP B . 2.21 -2.57 3.37
O7N NAP B . 2.79 -3.49 3.96
N7N NAP B . 1.79 -1.52 4.05
C4N NAP B . 1.67 -1.54 1.11
C5N NAP B . 1.50 -1.67 -0.25
C6N NAP B . 1.68 -2.92 -0.84
P2B NAP B . 5.07 -7.39 -13.36
O1X NAP B . 5.10 -6.26 -14.35
O2X NAP B . 6.40 -7.91 -12.89
O3X NAP B . 4.12 -8.53 -13.73
H51A NAP B . 3.53 -5.48 -7.06
H52A NAP B . 2.16 -6.46 -7.60
H4B NAP B . 4.15 -5.21 -9.54
H3B NAP B . 2.14 -7.50 -9.69
HO3A NAP B . 1.34 -5.41 -10.32
H2B NAP B . 3.41 -8.42 -11.38
H1B NAP B . 5.88 -7.46 -10.31
H8A NAP B . 2.85 -9.81 -9.65
H61A NAP B . 5.57 -14.03 -9.34
H62A NAP B . 7.29 -14.36 -9.36
H2A NAP B . 9.36 -10.32 -9.79
H51N NAP B . 3.72 -4.79 -4.31
H52N NAP B . 2.51 -5.90 -4.96
H4D NAP B . 3.56 -6.87 -2.94
H3D NAP B . 0.80 -6.68 -3.34
HO3N NAP B . 0.81 -8.40 -1.74
H2D NAP B . 0.40 -4.95 -1.84
HO2N NAP B . -0.73 -6.81 -0.97
H1D NAP B . 2.50 -6.03 0.05
H2N NAP B . 2.44 -4.75 1.83
H71N NAP B . 1.94 -1.46 5.04
H72N NAP B . 1.32 -0.76 3.56
H4N NAP B . 1.54 -0.58 1.59
H5N NAP B . 1.24 -0.83 -0.86
H6N NAP B . 1.55 -3.04 -1.90
#